data_2VVS
#
_entry.id   2VVS
#
_cell.length_a   185.640
_cell.length_b   51.340
_cell.length_c   81.460
_cell.angle_alpha   90.00
_cell.angle_beta   96.97
_cell.angle_gamma   90.00
#
_symmetry.space_group_name_H-M   'C 1 2 1'
#
loop_
_entity.id
_entity.type
_entity.pdbx_description
1 polymer 'O-GLCNACASE BT_4395'
2 non-polymer 'O-(2-ACETAMIDO-2-DEOXY D-GLUCOPYRANOSYLIDENE) AMINO-N-PHENYLCARBAMATE'
3 water water
#
_entity_poly.entity_id   1
_entity_poly.type   'polypeptide(L)'
_entity_poly.pdbx_seq_one_letter_code
;MKNNKIYLLGACLLCAVTTFAQNVSLQPPPQQLIVQNKTIDLPAVYQLNGGEEANPHAVKVLKELLSGKQSSKKGMLISI
GEKGDKSVRKYSRQIPDHKEGYYLSVNEKEIVLAGNDERGTYYALQTFAQLLKDGKLPEVEIKDYPSVRYRGVVEGFYGT
PWSHQARLSQLKFYGKNKMNTYIYGPKDDPYHSAPNWRLPYPDKEAAQLQELVAVANENEVDFVWAIHPGQDIKWNKEDR
DLLLAKFEKMYQLGVRSFAVFFDDISGEGTNPQKQAELLNYIDEKFAQVKPDINQLVMCPTEYNKSWSNPNGNYLTTLGD
KLNPSIQIMWTGDRVISDITRDGISWINERIKRPAYIWWNFPVSDYVRDHLLLGPVYGNDTTIAKEMSGFVTNPMEHAES
SKIAIYSVASYAWNPAKYDTWQTWKDAIRTILPSAAEELECFAMHNSDLGPNGHGYRREESMDIQPAAERFLKAFKEGKN
YDKADFETLQYTFERMKESADILLMNTENKPLIVEITPWVHQFKLTAEMGEEVLKMVEGRNESYFLRKYNHVKALQQQMF
YIDQTSNQNPYQPGVKTATRVIKPLIDRTFATVVKFFNQKFNAHLDATTDYMPHKMISNVEQIKNLPLQVKANRVLISPA
NEVVKWAAGNSVEIELDAIYPGENIQINFGKDAPCTWGRLEISTDGKEWKTVDLKQKESRLSAGLQKAPVKFVRFTNVSD
EEQQVYLRQFVLTIEKK
;
_entity_poly.pdbx_strand_id   A
#
loop_
_chem_comp.id
_chem_comp.type
_chem_comp.name
_chem_comp.formula
OAN non-polymer 'O-(2-ACETAMIDO-2-DEOXY D-GLUCOPYRANOSYLIDENE) AMINO-N-PHENYLCARBAMATE' 'C15 H19 N3 O7'
#
# COMPACT_ATOMS: atom_id res chain seq x y z
N LEU A 26 5.51 0.46 18.30
CA LEU A 26 4.88 -0.82 17.84
C LEU A 26 3.94 -0.62 16.66
N GLN A 27 4.19 -1.38 15.58
CA GLN A 27 3.32 -1.41 14.39
C GLN A 27 2.80 -2.82 13.97
N PRO A 28 1.47 -2.97 13.82
CA PRO A 28 0.39 -2.00 14.12
C PRO A 28 0.30 -1.74 15.63
N PRO A 29 -0.39 -0.67 16.05
CA PRO A 29 -0.47 -0.47 17.52
C PRO A 29 -1.40 -1.47 18.18
N PRO A 30 -0.95 -2.11 19.29
CA PRO A 30 -1.75 -3.10 20.02
C PRO A 30 -3.02 -2.46 20.58
N GLN A 31 -4.08 -3.26 20.73
CA GLN A 31 -5.33 -2.77 21.30
C GLN A 31 -5.13 -2.30 22.73
N GLN A 32 -4.31 -3.06 23.46
CA GLN A 32 -4.01 -2.76 24.85
C GLN A 32 -2.55 -3.05 25.20
N LEU A 33 -1.96 -2.09 25.90
CA LEU A 33 -0.56 -2.13 26.22
C LEU A 33 -0.45 -1.45 27.57
N ILE A 34 0.17 -2.14 28.51
CA ILE A 34 0.63 -1.56 29.76
C ILE A 34 2.15 -1.72 29.83
N VAL A 35 2.86 -0.59 29.92
CA VAL A 35 4.33 -0.58 29.97
C VAL A 35 4.84 -0.24 31.36
N GLN A 36 5.60 -1.14 31.98
CA GLN A 36 6.37 -0.81 33.19
C GLN A 36 7.64 -0.04 32.82
N ASN A 37 8.27 0.57 33.81
CA ASN A 37 9.50 1.33 33.58
C ASN A 37 10.74 0.44 33.52
N LYS A 38 10.69 -0.70 34.20
CA LYS A 38 11.77 -1.69 34.18
C LYS A 38 12.01 -2.23 32.76
N THR A 39 13.28 -2.43 32.42
CA THR A 39 13.65 -3.24 31.26
C THR A 39 14.38 -4.48 31.75
N ILE A 40 14.30 -5.56 30.99
CA ILE A 40 14.97 -6.80 31.34
C ILE A 40 15.91 -7.22 30.23
N ASP A 41 16.96 -7.97 30.56
CA ASP A 41 17.80 -8.56 29.53
C ASP A 41 17.11 -9.79 28.93
N LEU A 42 17.45 -10.13 27.69
CA LEU A 42 17.13 -11.44 27.16
C LEU A 42 17.81 -12.49 28.04
N PRO A 43 17.19 -13.67 28.18
CA PRO A 43 17.88 -14.69 28.99
C PRO A 43 18.93 -15.43 28.16
N ALA A 44 20.14 -15.51 28.69
CA ALA A 44 21.17 -16.36 28.08
C ALA A 44 20.78 -17.82 28.28
N VAL A 45 20.24 -18.11 29.47
CA VAL A 45 19.74 -19.43 29.84
C VAL A 45 18.24 -19.31 30.05
N TYR A 46 17.48 -19.96 29.17
CA TYR A 46 16.00 -19.95 29.23
C TYR A 46 15.34 -21.34 29.19
N GLN A 47 14.12 -21.43 29.73
CA GLN A 47 13.27 -22.62 29.60
C GLN A 47 12.13 -22.36 28.63
N LEU A 48 12.12 -23.09 27.50
CA LEU A 48 11.02 -23.01 26.55
C LEU A 48 9.92 -23.98 26.94
N ASN A 49 8.74 -23.44 27.20
CA ASN A 49 7.59 -24.26 27.49
C ASN A 49 6.54 -24.09 26.39
N GLY A 50 6.28 -25.18 25.68
CA GLY A 50 5.30 -25.21 24.62
C GLY A 50 5.88 -25.28 23.23
N GLY A 51 7.21 -25.30 23.12
CA GLY A 51 7.91 -25.42 21.84
C GLY A 51 7.32 -26.46 20.90
N GLU A 52 6.92 -27.60 21.46
CA GLU A 52 6.41 -28.72 20.67
C GLU A 52 4.89 -28.67 20.47
N GLU A 53 4.23 -27.61 20.96
CA GLU A 53 2.77 -27.49 20.99
C GLU A 53 2.28 -26.28 20.22
N ALA A 54 3.06 -25.20 20.31
CA ALA A 54 2.74 -23.92 19.69
C ALA A 54 2.93 -23.97 18.18
N ASN A 55 2.28 -23.05 17.46
CA ASN A 55 2.50 -22.83 16.03
C ASN A 55 3.99 -22.88 15.69
N PRO A 56 4.41 -23.83 14.83
CA PRO A 56 5.83 -23.92 14.45
C PRO A 56 6.39 -22.66 13.79
N HIS A 57 5.57 -21.89 13.06
CA HIS A 57 6.02 -20.63 12.45
C HIS A 57 6.31 -19.56 13.50
N ALA A 58 5.58 -19.61 14.63
CA ALA A 58 5.85 -18.77 15.82
C ALA A 58 7.07 -19.23 16.57
N VAL A 59 7.26 -20.54 16.68
CA VAL A 59 8.38 -21.10 17.47
C VAL A 59 9.73 -20.97 16.75
N LYS A 60 9.71 -21.08 15.44
CA LYS A 60 10.87 -20.83 14.59
C LYS A 60 11.28 -19.34 14.56
N VAL A 61 10.34 -18.41 14.66
CA VAL A 61 10.72 -17.01 14.90
C VAL A 61 11.35 -16.80 16.30
N LEU A 62 10.79 -17.47 17.31
CA LEU A 62 11.29 -17.31 18.66
C LEU A 62 12.72 -17.82 18.78
N LYS A 63 12.97 -18.95 18.13
CA LYS A 63 14.30 -19.57 18.11
C LYS A 63 15.29 -18.74 17.28
N GLU A 64 14.79 -18.07 16.24
CA GLU A 64 15.55 -17.06 15.49
C GLU A 64 15.94 -15.90 16.41
N LEU A 65 14.97 -15.38 17.15
CA LEU A 65 15.20 -14.24 18.06
C LEU A 65 16.07 -14.56 19.28
N LEU A 66 16.22 -15.84 19.64
CA LEU A 66 17.11 -16.22 20.77
C LEU A 66 17.66 -17.64 20.68
N GLY A 75 16.95 -22.14 33.37
CA GLY A 75 16.89 -20.70 33.10
C GLY A 75 15.54 -20.04 33.38
N MET A 76 15.17 -19.06 32.55
CA MET A 76 13.92 -18.31 32.72
C MET A 76 12.85 -18.82 31.77
N LEU A 77 11.61 -18.85 32.26
CA LEU A 77 10.51 -19.45 31.55
C LEU A 77 10.08 -18.53 30.43
N ILE A 78 10.01 -19.07 29.22
CA ILE A 78 9.25 -18.47 28.14
C ILE A 78 8.16 -19.50 27.87
N SER A 79 6.91 -19.05 27.90
CA SER A 79 5.77 -19.92 27.70
C SER A 79 5.12 -19.50 26.41
N ILE A 80 4.92 -20.48 25.52
CA ILE A 80 4.45 -20.22 24.18
C ILE A 80 3.36 -21.21 23.83
N GLY A 81 2.26 -20.72 23.26
CA GLY A 81 1.20 -21.61 22.80
C GLY A 81 -0.10 -20.94 22.39
N GLU A 82 -1.04 -21.79 21.96
CA GLU A 82 -2.39 -21.36 21.66
C GLU A 82 -3.35 -21.77 22.79
N LYS A 83 -4.41 -21.00 22.96
CA LYS A 83 -5.50 -21.35 23.86
C LYS A 83 -5.88 -22.81 23.61
N GLY A 84 -5.82 -23.61 24.67
CA GLY A 84 -6.08 -25.05 24.61
C GLY A 84 -4.82 -25.88 24.80
N ASP A 85 -3.67 -25.28 24.46
CA ASP A 85 -2.37 -25.91 24.62
C ASP A 85 -2.09 -25.98 26.12
N LYS A 86 -1.39 -27.04 26.51
CA LYS A 86 -1.01 -27.28 27.91
C LYS A 86 -0.22 -26.10 28.49
N SER A 87 0.67 -25.55 27.66
CA SER A 87 1.73 -24.63 28.07
C SER A 87 1.23 -23.25 28.48
N VAL A 88 0.07 -22.88 27.95
CA VAL A 88 -0.53 -21.57 28.24
C VAL A 88 -1.83 -21.67 29.04
N ARG A 89 -2.24 -22.87 29.44
CA ARG A 89 -3.45 -23.03 30.28
C ARG A 89 -3.53 -22.00 31.41
N LYS A 90 -2.43 -21.77 32.12
CA LYS A 90 -2.38 -20.78 33.21
C LYS A 90 -2.94 -19.41 32.80
N TYR A 91 -3.01 -19.16 31.49
CA TYR A 91 -3.25 -17.83 30.93
C TYR A 91 -4.50 -17.69 30.07
N SER A 92 -5.28 -18.75 29.89
CA SER A 92 -6.40 -18.68 28.97
C SER A 92 -7.36 -17.51 29.25
N ARG A 93 -7.42 -17.05 30.50
CA ARG A 93 -8.26 -15.88 30.79
C ARG A 93 -7.69 -14.57 30.25
N GLN A 94 -6.39 -14.54 30.03
CA GLN A 94 -5.71 -13.35 29.48
C GLN A 94 -5.79 -13.23 27.96
N ILE A 95 -5.78 -14.37 27.27
CA ILE A 95 -5.87 -14.41 25.82
C ILE A 95 -7.22 -13.87 25.34
N PRO A 96 -7.23 -12.77 24.55
CA PRO A 96 -8.47 -12.19 24.05
C PRO A 96 -9.29 -13.16 23.19
N ASP A 97 -10.60 -13.13 23.37
CA ASP A 97 -11.52 -13.97 22.61
C ASP A 97 -11.87 -13.38 21.22
N HIS A 98 -10.85 -13.28 20.36
CA HIS A 98 -10.96 -12.82 18.98
C HIS A 98 -10.02 -13.70 18.16
N LYS A 99 -10.40 -14.05 16.93
CA LYS A 99 -9.43 -14.80 16.09
C LYS A 99 -8.22 -13.93 15.77
N GLU A 100 -7.03 -14.54 15.73
CA GLU A 100 -5.77 -13.80 15.57
C GLU A 100 -5.35 -12.94 16.78
N GLY A 101 -5.98 -13.19 17.94
CA GLY A 101 -5.67 -12.45 19.16
C GLY A 101 -4.51 -13.04 19.95
N TYR A 102 -3.94 -12.25 20.84
CA TYR A 102 -2.88 -12.75 21.70
C TYR A 102 -2.70 -11.93 22.97
N TYR A 103 -2.08 -12.59 23.94
CA TYR A 103 -1.62 -12.00 25.14
C TYR A 103 -0.11 -12.21 25.15
N LEU A 104 0.60 -11.15 25.50
CA LEU A 104 2.03 -11.12 25.61
C LEU A 104 2.38 -10.47 26.94
N SER A 105 3.25 -11.16 27.68
CA SER A 105 3.76 -10.68 28.95
C SER A 105 5.28 -10.81 29.02
N VAL A 106 5.92 -9.75 29.52
CA VAL A 106 7.36 -9.77 29.83
C VAL A 106 7.61 -9.22 31.25
N ASN A 107 8.22 -10.02 32.11
CA ASN A 107 8.67 -9.54 33.41
C ASN A 107 9.91 -10.26 33.95
N GLU A 108 10.20 -10.02 35.23
CA GLU A 108 11.34 -10.62 35.94
C GLU A 108 11.46 -12.12 35.74
N LYS A 109 10.34 -12.83 35.82
CA LYS A 109 10.35 -14.29 36.01
C LYS A 109 10.01 -15.14 34.78
N GLU A 110 9.18 -14.60 33.87
CA GLU A 110 8.76 -15.33 32.69
C GLU A 110 8.31 -14.43 31.54
N ILE A 111 8.26 -15.01 30.33
CA ILE A 111 7.74 -14.34 29.17
C ILE A 111 6.58 -15.19 28.61
N VAL A 112 5.45 -14.56 28.32
CA VAL A 112 4.29 -15.30 27.89
C VAL A 112 4.00 -14.89 26.48
N LEU A 113 3.95 -15.87 25.57
CA LEU A 113 3.55 -15.68 24.18
C LEU A 113 2.44 -16.68 23.86
N ALA A 114 1.21 -16.19 23.93
CA ALA A 114 0.03 -17.03 23.97
C ALA A 114 -1.02 -16.48 23.01
N GLY A 115 -1.33 -17.25 21.97
CA GLY A 115 -2.30 -16.80 21.02
C GLY A 115 -3.64 -17.45 21.20
N ASN A 116 -4.67 -16.80 20.70
CA ASN A 116 -5.97 -17.39 20.73
C ASN A 116 -6.05 -18.53 19.72
N ASP A 117 -5.30 -18.38 18.65
CA ASP A 117 -5.15 -19.42 17.64
C ASP A 117 -3.70 -19.36 17.20
N GLU A 118 -3.29 -20.28 16.31
CA GLU A 118 -1.92 -20.40 15.85
C GLU A 118 -1.41 -19.12 15.18
N ARG A 119 -2.29 -18.42 14.47
CA ARG A 119 -1.91 -17.18 13.82
C ARG A 119 -1.66 -16.07 14.87
N GLY A 120 -2.41 -16.13 15.98
CA GLY A 120 -2.25 -15.18 17.06
C GLY A 120 -0.95 -15.38 17.82
N THR A 121 -0.45 -16.62 17.89
CA THR A 121 0.87 -16.88 18.49
C THR A 121 1.99 -16.28 17.59
N TYR A 122 1.78 -16.34 16.27
CA TYR A 122 2.73 -15.81 15.30
C TYR A 122 2.78 -14.30 15.46
N TYR A 123 1.61 -13.68 15.51
CA TYR A 123 1.46 -12.26 15.77
C TYR A 123 2.05 -11.79 17.13
N ALA A 124 2.01 -12.66 18.13
CA ALA A 124 2.58 -12.32 19.41
C ALA A 124 4.09 -12.15 19.19
N LEU A 125 4.65 -13.03 18.37
CA LEU A 125 6.07 -13.00 18.07
C LEU A 125 6.48 -11.85 17.19
N GLN A 126 5.63 -11.47 16.24
CA GLN A 126 5.86 -10.24 15.48
C GLN A 126 5.94 -9.04 16.40
N THR A 127 5.01 -8.91 17.34
CA THR A 127 5.09 -7.85 18.34
C THR A 127 6.33 -7.96 19.22
N PHE A 128 6.66 -9.18 19.62
CA PHE A 128 7.79 -9.46 20.47
C PHE A 128 9.13 -9.06 19.85
N ALA A 129 9.26 -9.21 18.55
CA ALA A 129 10.52 -8.91 17.88
C ALA A 129 10.76 -7.40 17.76
N GLN A 130 9.68 -6.62 17.82
CA GLN A 130 9.76 -5.16 17.83
C GLN A 130 10.07 -4.60 19.22
N LEU A 131 9.68 -5.33 20.27
CA LEU A 131 9.98 -4.91 21.64
C LEU A 131 11.49 -5.03 21.94
N LEU A 132 12.08 -6.07 21.37
CA LEU A 132 13.45 -6.48 21.65
C LEU A 132 14.42 -5.62 20.88
N LYS A 133 15.04 -4.66 21.57
CA LYS A 133 16.07 -3.84 20.96
C LYS A 133 17.26 -3.75 21.91
N ASP A 134 18.44 -4.13 21.42
CA ASP A 134 19.71 -4.15 22.16
C ASP A 134 19.93 -5.32 23.13
N GLY A 135 19.25 -6.42 22.86
CA GLY A 135 19.31 -7.61 23.73
C GLY A 135 18.52 -7.37 25.01
N LYS A 136 17.59 -6.42 24.92
CA LYS A 136 16.84 -5.92 26.06
C LYS A 136 15.37 -5.79 25.71
N LEU A 137 14.53 -6.10 26.69
CA LEU A 137 13.09 -6.00 26.58
C LEU A 137 12.54 -5.09 27.68
N PRO A 138 11.45 -4.35 27.39
CA PRO A 138 10.83 -3.64 28.50
C PRO A 138 9.83 -4.54 29.22
N GLU A 139 9.58 -4.26 30.50
CA GLU A 139 8.52 -4.96 31.18
C GLU A 139 7.14 -4.46 30.67
N VAL A 140 6.37 -5.36 30.06
CA VAL A 140 5.12 -5.00 29.39
C VAL A 140 4.02 -6.07 29.49
N GLU A 141 2.80 -5.61 29.30
CA GLU A 141 1.67 -6.50 29.14
C GLU A 141 0.81 -6.01 27.97
N ILE A 142 0.44 -6.93 27.08
CA ILE A 142 -0.25 -6.57 25.88
C ILE A 142 -1.42 -7.52 25.62
N LYS A 143 -2.59 -6.96 25.36
CA LYS A 143 -3.71 -7.71 24.82
C LYS A 143 -4.06 -7.14 23.45
N ASP A 144 -4.05 -8.01 22.44
CA ASP A 144 -4.12 -7.55 21.07
C ASP A 144 -4.94 -8.51 20.20
N TYR A 145 -5.45 -7.93 19.11
CA TYR A 145 -6.27 -8.59 18.13
C TYR A 145 -6.60 -7.52 17.05
N PRO A 146 -7.01 -7.96 15.84
CA PRO A 146 -7.28 -6.99 14.80
C PRO A 146 -8.68 -6.51 14.89
N SER A 147 -8.93 -5.28 14.47
CA SER A 147 -10.28 -4.75 14.37
C SER A 147 -10.99 -5.20 13.09
N VAL A 148 -10.24 -5.45 12.02
CA VAL A 148 -10.75 -5.95 10.74
C VAL A 148 -10.24 -7.39 10.50
N ARG A 149 -11.13 -8.30 10.08
CA ARG A 149 -10.84 -9.73 9.98
C ARG A 149 -9.81 -10.04 8.92
N TYR A 150 -10.03 -9.46 7.73
CA TYR A 150 -9.14 -9.64 6.58
C TYR A 150 -8.42 -8.39 6.20
N ARG A 151 -7.10 -8.49 6.13
CA ARG A 151 -6.26 -7.33 5.97
C ARG A 151 -5.08 -7.68 5.07
N GLY A 152 -4.97 -6.97 3.95
CA GLY A 152 -3.79 -7.10 3.14
C GLY A 152 -3.75 -6.43 1.80
N VAL A 153 -3.17 -7.14 0.83
CA VAL A 153 -2.91 -6.57 -0.45
C VAL A 153 -3.59 -7.42 -1.47
N VAL A 154 -4.31 -6.75 -2.38
CA VAL A 154 -4.65 -7.31 -3.70
C VAL A 154 -3.65 -6.85 -4.87
N GLU A 155 -2.87 -7.76 -5.43
CA GLU A 155 -2.17 -7.34 -6.63
C GLU A 155 -3.18 -7.34 -7.77
N GLY A 156 -3.91 -6.24 -8.00
CA GLY A 156 -5.05 -6.26 -8.96
C GLY A 156 -5.00 -5.16 -9.98
N PHE A 157 -3.81 -4.60 -10.17
CA PHE A 157 -3.55 -3.49 -11.11
C PHE A 157 -3.35 -4.03 -12.55
N TYR A 158 -3.61 -3.15 -13.55
CA TYR A 158 -3.12 -3.26 -14.94
C TYR A 158 -1.69 -2.73 -15.08
N GLY A 159 -0.83 -3.45 -15.83
CA GLY A 159 0.59 -3.12 -15.97
C GLY A 159 1.46 -4.32 -15.63
N THR A 160 2.77 -4.19 -15.69
CA THR A 160 3.70 -5.29 -15.32
C THR A 160 3.47 -5.88 -13.93
N PRO A 161 2.97 -7.15 -13.86
CA PRO A 161 2.90 -7.92 -12.61
C PRO A 161 4.22 -7.89 -11.84
N TRP A 162 4.15 -7.90 -10.51
CA TRP A 162 5.32 -8.01 -9.68
C TRP A 162 6.13 -9.23 -10.06
N SER A 163 7.45 -9.07 -10.00
CA SER A 163 8.35 -10.20 -10.20
C SER A 163 8.12 -11.13 -9.04
N HIS A 164 8.58 -12.34 -9.23
CA HIS A 164 8.52 -13.39 -8.27
C HIS A 164 9.32 -13.08 -6.99
N GLN A 165 10.55 -12.62 -7.16
CA GLN A 165 11.36 -12.26 -5.98
C GLN A 165 10.65 -11.12 -5.23
N ALA A 166 9.99 -10.20 -5.95
CA ALA A 166 9.25 -9.14 -5.31
C ALA A 166 8.15 -9.75 -4.46
N ARG A 167 7.40 -10.70 -5.02
CA ARG A 167 6.28 -11.31 -4.29
C ARG A 167 6.76 -12.01 -3.03
N LEU A 168 7.86 -12.75 -3.13
CA LEU A 168 8.41 -13.37 -1.95
C LEU A 168 8.60 -12.27 -0.91
N SER A 169 9.29 -11.19 -1.28
CA SER A 169 9.55 -10.10 -0.36
C SER A 169 8.27 -9.56 0.25
N GLN A 170 7.24 -9.43 -0.56
CA GLN A 170 6.00 -8.87 -0.08
C GLN A 170 5.47 -9.78 1.01
N LEU A 171 5.53 -11.09 0.78
CA LEU A 171 4.85 -12.04 1.66
C LEU A 171 5.42 -12.02 3.05
N LYS A 172 6.75 -11.94 3.18
CA LYS A 172 7.41 -11.81 4.47
C LYS A 172 7.01 -10.49 5.15
N PHE A 173 6.79 -9.46 4.33
CA PHE A 173 6.45 -8.13 4.79
C PHE A 173 5.05 -8.07 5.38
N TYR A 174 4.08 -8.71 4.72
CA TYR A 174 2.73 -8.89 5.28
C TYR A 174 2.73 -9.61 6.63
N GLY A 175 3.37 -10.77 6.68
CA GLY A 175 3.72 -11.46 7.93
C GLY A 175 4.05 -10.50 9.03
N LYS A 176 5.06 -9.67 8.81
CA LYS A 176 5.69 -8.84 9.85
C LYS A 176 4.71 -7.77 10.34
N ASN A 177 3.76 -7.40 9.48
CA ASN A 177 2.83 -6.32 9.71
C ASN A 177 1.43 -6.80 10.01
N LYS A 178 1.34 -8.10 10.28
CA LYS A 178 0.08 -8.74 10.65
C LYS A 178 -0.99 -8.59 9.56
N MET A 179 -0.56 -8.54 8.31
CA MET A 179 -1.48 -8.72 7.20
C MET A 179 -1.68 -10.22 6.86
N ASN A 180 -2.92 -10.65 6.67
CA ASN A 180 -3.22 -12.10 6.55
C ASN A 180 -3.85 -12.44 5.17
N THR A 181 -3.93 -11.43 4.31
CA THR A 181 -4.46 -11.58 2.98
C THR A 181 -3.54 -11.05 1.88
N TYR A 182 -3.41 -11.91 0.85
CA TYR A 182 -2.80 -11.59 -0.44
C TYR A 182 -3.70 -12.17 -1.56
N ILE A 183 -4.34 -11.30 -2.30
CA ILE A 183 -5.18 -11.67 -3.41
C ILE A 183 -4.40 -11.49 -4.69
N TYR A 184 -3.95 -12.60 -5.24
CA TYR A 184 -3.13 -12.57 -6.42
C TYR A 184 -4.04 -12.50 -7.59
N GLY A 185 -4.04 -11.38 -8.27
CA GLY A 185 -4.92 -11.19 -9.40
C GLY A 185 -4.53 -10.09 -10.36
N PRO A 186 -3.36 -10.21 -10.96
CA PRO A 186 -2.87 -9.15 -11.84
C PRO A 186 -3.61 -9.11 -13.19
N LYS A 187 -4.19 -7.97 -13.55
CA LYS A 187 -5.05 -7.95 -14.71
C LYS A 187 -4.35 -8.52 -15.95
N ASP A 188 -3.02 -8.36 -16.00
CA ASP A 188 -2.24 -8.72 -17.19
C ASP A 188 -1.68 -10.15 -17.21
N ASP A 189 -2.08 -10.99 -16.26
CA ASP A 189 -1.72 -12.39 -16.27
C ASP A 189 -2.77 -13.17 -17.09
N PRO A 190 -2.37 -13.72 -18.26
CA PRO A 190 -3.37 -14.38 -19.16
C PRO A 190 -4.06 -15.59 -18.56
N TYR A 191 -3.42 -16.20 -17.56
CA TYR A 191 -4.00 -17.37 -16.89
C TYR A 191 -4.97 -17.03 -15.75
N HIS A 192 -5.11 -15.74 -15.45
CA HIS A 192 -6.01 -15.22 -14.41
C HIS A 192 -7.18 -14.54 -15.14
N SER A 193 -6.85 -13.78 -16.17
CA SER A 193 -7.89 -13.12 -16.95
C SER A 193 -8.12 -13.85 -18.29
N ALA A 194 -8.85 -13.27 -19.24
CA ALA A 194 -9.00 -13.97 -20.49
C ALA A 194 -7.77 -13.79 -21.41
N PRO A 195 -7.58 -14.74 -22.34
CA PRO A 195 -8.50 -15.83 -22.67
C PRO A 195 -8.23 -17.17 -21.94
N ASN A 196 -7.11 -17.26 -21.21
CA ASN A 196 -6.62 -18.53 -20.68
C ASN A 196 -6.83 -18.71 -19.19
N TRP A 197 -7.86 -18.08 -18.61
CA TRP A 197 -8.27 -18.45 -17.23
C TRP A 197 -8.65 -19.93 -17.19
N ARG A 198 -9.22 -20.43 -18.29
CA ARG A 198 -9.56 -21.85 -18.46
C ARG A 198 -8.35 -22.79 -18.40
N LEU A 199 -7.16 -22.28 -18.69
CA LEU A 199 -6.00 -23.16 -18.87
C LEU A 199 -5.13 -23.19 -17.63
N PRO A 200 -4.59 -24.38 -17.29
CA PRO A 200 -3.71 -24.40 -16.11
C PRO A 200 -2.43 -23.65 -16.44
N TYR A 201 -1.74 -23.18 -15.40
CA TYR A 201 -0.43 -22.55 -15.57
C TYR A 201 0.55 -23.56 -16.15
N PRO A 202 1.49 -23.08 -16.99
CA PRO A 202 2.64 -23.85 -17.46
C PRO A 202 3.51 -24.28 -16.27
N ASP A 203 4.34 -25.31 -16.43
CA ASP A 203 5.05 -25.93 -15.31
C ASP A 203 5.84 -24.96 -14.47
N LYS A 204 6.55 -24.03 -15.13
CA LYS A 204 7.41 -23.10 -14.41
C LYS A 204 6.62 -22.09 -13.58
N GLU A 205 5.63 -21.45 -14.19
CA GLU A 205 4.77 -20.53 -13.47
C GLU A 205 4.09 -21.23 -12.31
N ALA A 206 3.69 -22.49 -12.53
CA ALA A 206 3.07 -23.37 -11.53
C ALA A 206 3.93 -23.60 -10.30
N ALA A 207 5.19 -24.00 -10.53
CA ALA A 207 6.15 -24.21 -9.45
C ALA A 207 6.50 -22.92 -8.69
N GLN A 208 6.36 -21.78 -9.34
CA GLN A 208 6.61 -20.51 -8.68
C GLN A 208 5.43 -20.13 -7.81
N LEU A 209 4.24 -20.45 -8.29
CA LEU A 209 3.03 -20.21 -7.53
C LEU A 209 3.03 -21.11 -6.27
N GLN A 210 3.58 -22.33 -6.37
CA GLN A 210 3.69 -23.23 -5.21
C GLN A 210 4.57 -22.64 -4.12
N GLU A 211 5.78 -22.23 -4.51
CA GLU A 211 6.72 -21.61 -3.63
C GLU A 211 6.08 -20.42 -2.90
N LEU A 212 5.44 -19.55 -3.64
CA LEU A 212 4.69 -18.45 -3.06
C LEU A 212 3.71 -18.93 -2.00
N VAL A 213 2.86 -19.91 -2.35
CA VAL A 213 1.92 -20.51 -1.40
C VAL A 213 2.65 -20.98 -0.15
N ALA A 214 3.72 -21.76 -0.30
CA ALA A 214 4.49 -22.22 0.86
C ALA A 214 5.11 -21.06 1.68
N VAL A 215 5.32 -19.90 1.06
CA VAL A 215 5.90 -18.77 1.77
C VAL A 215 4.80 -18.01 2.50
N ALA A 216 3.66 -17.83 1.84
CA ALA A 216 2.49 -17.30 2.47
C ALA A 216 2.13 -18.10 3.74
N ASN A 217 2.18 -19.43 3.64
CA ASN A 217 1.78 -20.29 4.74
C ASN A 217 2.64 -19.97 5.93
N GLU A 218 3.97 -20.13 5.76
CA GLU A 218 5.02 -19.82 6.73
C GLU A 218 4.93 -18.45 7.38
N ASN A 219 4.33 -17.50 6.66
CA ASN A 219 4.24 -16.13 7.14
C ASN A 219 2.82 -15.82 7.58
N GLU A 220 2.01 -16.87 7.72
CA GLU A 220 0.62 -16.73 8.17
C GLU A 220 -0.24 -15.82 7.29
N VAL A 221 0.03 -15.83 5.99
CA VAL A 221 -0.80 -15.10 4.98
C VAL A 221 -1.66 -16.09 4.19
N ASP A 222 -2.91 -15.69 3.88
CA ASP A 222 -3.80 -16.44 3.02
C ASP A 222 -3.50 -16.06 1.60
N PHE A 223 -2.77 -16.91 0.89
CA PHE A 223 -2.69 -16.77 -0.55
C PHE A 223 -4.07 -17.01 -1.18
N VAL A 224 -4.67 -15.94 -1.71
CA VAL A 224 -6.00 -15.96 -2.37
C VAL A 224 -5.81 -15.88 -3.91
N TRP A 225 -6.10 -16.97 -4.63
CA TRP A 225 -6.01 -16.98 -6.10
C TRP A 225 -7.28 -16.50 -6.73
N ALA A 226 -7.23 -15.37 -7.41
CA ALA A 226 -8.40 -14.90 -8.13
C ALA A 226 -8.37 -15.33 -9.60
N ILE A 227 -9.57 -15.41 -10.15
CA ILE A 227 -9.79 -15.69 -11.55
C ILE A 227 -10.68 -14.58 -12.04
N HIS A 228 -10.56 -14.23 -13.32
CA HIS A 228 -11.26 -13.10 -13.91
C HIS A 228 -11.87 -13.53 -15.25
N PRO A 229 -13.02 -14.25 -15.24
CA PRO A 229 -13.53 -14.90 -16.45
C PRO A 229 -14.70 -14.18 -17.13
N GLY A 230 -15.11 -13.06 -16.53
CA GLY A 230 -16.39 -12.41 -16.87
C GLY A 230 -16.55 -12.03 -18.30
N GLN A 231 -15.45 -11.60 -18.94
CA GLN A 231 -15.49 -11.04 -20.32
C GLN A 231 -15.84 -12.05 -21.40
N ASP A 232 -15.47 -13.31 -21.22
CA ASP A 232 -15.82 -14.35 -22.21
C ASP A 232 -16.59 -15.59 -21.72
N ILE A 233 -17.01 -15.60 -20.46
CA ILE A 233 -17.67 -16.78 -19.88
C ILE A 233 -19.05 -17.08 -20.54
N LYS A 234 -19.32 -18.37 -20.75
CA LYS A 234 -20.62 -18.81 -21.19
C LYS A 234 -21.32 -19.36 -19.95
N TRP A 235 -22.53 -18.87 -19.68
CA TRP A 235 -23.34 -19.47 -18.61
C TRP A 235 -23.89 -20.82 -19.09
N ASN A 236 -22.98 -21.80 -19.17
CA ASN A 236 -23.34 -23.18 -19.46
C ASN A 236 -22.59 -24.08 -18.51
N LYS A 237 -22.93 -25.36 -18.55
CA LYS A 237 -22.29 -26.38 -17.72
C LYS A 237 -20.76 -26.44 -18.00
N GLU A 238 -20.37 -26.26 -19.26
CA GLU A 238 -18.99 -26.45 -19.68
C GLU A 238 -18.08 -25.42 -19.04
N ASP A 239 -18.34 -24.14 -19.28
CA ASP A 239 -17.52 -23.08 -18.68
C ASP A 239 -17.56 -23.10 -17.15
N ARG A 240 -18.73 -23.37 -16.57
CA ARG A 240 -18.76 -23.41 -15.11
C ARG A 240 -17.91 -24.55 -14.54
N ASP A 241 -17.68 -25.59 -15.34
CA ASP A 241 -16.87 -26.76 -14.96
C ASP A 241 -15.41 -26.51 -15.23
N LEU A 242 -15.11 -25.82 -16.32
CA LEU A 242 -13.73 -25.36 -16.55
C LEU A 242 -13.23 -24.48 -15.40
N LEU A 243 -14.10 -23.63 -14.87
CA LEU A 243 -13.74 -22.76 -13.76
C LEU A 243 -13.43 -23.58 -12.51
N LEU A 244 -14.24 -24.60 -12.24
CA LEU A 244 -14.00 -25.52 -11.11
C LEU A 244 -12.74 -26.37 -11.30
N ALA A 245 -12.45 -26.75 -12.53
CA ALA A 245 -11.29 -27.58 -12.80
C ALA A 245 -10.02 -26.75 -12.67
N LYS A 246 -10.15 -25.44 -12.94
CA LYS A 246 -9.04 -24.50 -12.75
C LYS A 246 -8.79 -24.35 -11.26
N PHE A 247 -9.85 -24.05 -10.49
CA PHE A 247 -9.74 -23.97 -9.02
C PHE A 247 -9.10 -25.21 -8.41
N GLU A 248 -9.49 -26.38 -8.91
CA GLU A 248 -9.00 -27.66 -8.43
C GLU A 248 -7.51 -27.79 -8.64
N LYS A 249 -7.04 -27.32 -9.79
CA LYS A 249 -5.62 -27.31 -10.12
C LYS A 249 -4.79 -26.39 -9.24
N MET A 250 -5.34 -25.22 -8.92
CA MET A 250 -4.72 -24.29 -7.95
C MET A 250 -4.71 -24.87 -6.56
N TYR A 251 -5.72 -25.68 -6.24
CA TYR A 251 -5.75 -26.42 -4.97
C TYR A 251 -4.58 -27.39 -4.87
N GLN A 252 -4.27 -28.10 -5.95
CA GLN A 252 -3.16 -29.08 -5.97
C GLN A 252 -1.77 -28.48 -5.74
N LEU A 253 -1.60 -27.23 -6.16
CA LEU A 253 -0.43 -26.40 -5.86
C LEU A 253 -0.49 -25.73 -4.45
N GLY A 254 -1.60 -25.96 -3.74
CA GLY A 254 -1.66 -25.65 -2.31
C GLY A 254 -2.50 -24.44 -1.95
N VAL A 255 -3.18 -23.86 -2.94
CA VAL A 255 -4.00 -22.71 -2.69
C VAL A 255 -5.21 -23.15 -1.85
N ARG A 256 -5.49 -22.36 -0.80
CA ARG A 256 -6.69 -22.56 0.03
C ARG A 256 -7.71 -21.43 0.09
N SER A 257 -7.47 -20.30 -0.58
CA SER A 257 -8.54 -19.30 -0.70
C SER A 257 -8.68 -18.87 -2.15
N PHE A 258 -9.87 -18.41 -2.56
CA PHE A 258 -10.21 -18.27 -3.96
C PHE A 258 -11.08 -17.05 -4.16
N ALA A 259 -10.93 -16.38 -5.30
CA ALA A 259 -11.78 -15.24 -5.55
C ALA A 259 -12.26 -15.30 -6.98
N VAL A 260 -13.38 -14.65 -7.25
CA VAL A 260 -13.88 -14.54 -8.61
C VAL A 260 -14.20 -13.09 -8.92
N PHE A 261 -13.52 -12.54 -9.92
CA PHE A 261 -13.62 -11.11 -10.23
C PHE A 261 -14.56 -10.84 -11.41
N PHE A 262 -15.52 -9.94 -11.24
CA PHE A 262 -16.49 -9.62 -12.35
C PHE A 262 -16.55 -8.14 -12.71
N ASP A 263 -15.46 -7.44 -12.39
CA ASP A 263 -15.28 -6.02 -12.64
C ASP A 263 -14.76 -5.78 -14.06
N ASP A 264 -15.10 -4.62 -14.62
CA ASP A 264 -14.51 -4.18 -15.87
C ASP A 264 -14.81 -5.21 -16.96
N ILE A 265 -16.04 -5.72 -16.97
CA ILE A 265 -16.45 -6.68 -18.00
C ILE A 265 -17.73 -6.23 -18.72
N SER A 266 -18.02 -6.90 -19.82
CA SER A 266 -19.14 -6.57 -20.69
C SER A 266 -20.00 -7.79 -21.03
N GLY A 267 -21.28 -7.53 -21.26
CA GLY A 267 -22.19 -8.54 -21.79
C GLY A 267 -22.88 -9.38 -20.75
N GLU A 268 -23.31 -10.55 -21.18
CA GLU A 268 -24.06 -11.51 -20.37
C GLU A 268 -23.33 -11.89 -19.07
N GLY A 269 -22.00 -11.69 -19.05
CA GLY A 269 -21.20 -11.84 -17.82
C GLY A 269 -21.55 -10.93 -16.65
N THR A 270 -22.51 -10.02 -16.85
CA THR A 270 -22.93 -8.97 -15.88
C THR A 270 -24.19 -9.30 -15.05
N ASN A 271 -24.91 -10.37 -15.43
CA ASN A 271 -26.18 -10.74 -14.79
C ASN A 271 -25.90 -11.25 -13.37
N PRO A 272 -26.48 -10.60 -12.32
CA PRO A 272 -26.16 -10.94 -10.93
C PRO A 272 -26.78 -12.24 -10.43
N GLN A 273 -27.93 -12.62 -10.98
CA GLN A 273 -28.54 -13.93 -10.67
C GLN A 273 -27.53 -15.03 -10.97
N LYS A 274 -27.00 -14.98 -12.19
CA LYS A 274 -26.07 -15.99 -12.67
C LYS A 274 -24.73 -15.99 -11.99
N GLN A 275 -24.21 -14.82 -11.61
CA GLN A 275 -22.97 -14.75 -10.83
C GLN A 275 -23.14 -15.44 -9.48
N ALA A 276 -24.23 -15.10 -8.79
CA ALA A 276 -24.64 -15.68 -7.52
C ALA A 276 -24.79 -17.21 -7.59
N GLU A 277 -25.54 -17.71 -8.57
CA GLU A 277 -25.67 -19.14 -8.80
C GLU A 277 -24.32 -19.79 -9.07
N LEU A 278 -23.45 -19.12 -9.82
CA LEU A 278 -22.11 -19.66 -10.03
C LEU A 278 -21.30 -19.70 -8.75
N LEU A 279 -21.23 -18.59 -8.01
CA LEU A 279 -20.42 -18.58 -6.79
C LEU A 279 -20.93 -19.53 -5.72
N ASN A 280 -22.25 -19.63 -5.62
CA ASN A 280 -22.93 -20.60 -4.78
C ASN A 280 -22.62 -22.03 -5.18
N TYR A 281 -22.64 -22.31 -6.48
CA TYR A 281 -22.17 -23.57 -6.98
C TYR A 281 -20.74 -23.81 -6.52
N ILE A 282 -19.86 -22.81 -6.68
CA ILE A 282 -18.46 -22.97 -6.27
C ILE A 282 -18.38 -23.24 -4.78
N ASP A 283 -19.19 -22.53 -4.00
CA ASP A 283 -19.17 -22.66 -2.55
C ASP A 283 -19.60 -24.07 -2.13
N GLU A 284 -20.67 -24.55 -2.72
CA GLU A 284 -21.27 -25.80 -2.31
C GLU A 284 -20.57 -27.04 -2.88
N LYS A 285 -20.11 -26.97 -4.13
CA LYS A 285 -19.43 -28.12 -4.76
C LYS A 285 -17.92 -28.18 -4.54
N PHE A 286 -17.37 -27.15 -3.92
CA PHE A 286 -15.92 -26.97 -3.82
C PHE A 286 -15.47 -26.49 -2.45
N ALA A 287 -15.71 -25.24 -2.10
CA ALA A 287 -15.34 -24.75 -0.77
C ALA A 287 -15.93 -25.57 0.41
N GLN A 288 -17.18 -26.05 0.26
CA GLN A 288 -17.89 -26.83 1.31
C GLN A 288 -17.56 -28.33 1.18
N VAL A 289 -16.78 -28.70 0.18
CA VAL A 289 -16.42 -30.11 -0.04
C VAL A 289 -14.97 -30.40 0.35
N LYS A 290 -14.15 -29.36 0.50
CA LYS A 290 -12.74 -29.54 0.85
C LYS A 290 -12.63 -29.27 2.34
N PRO A 291 -11.66 -29.92 3.01
CA PRO A 291 -11.54 -29.73 4.47
C PRO A 291 -11.02 -28.36 4.95
N ASP A 292 -10.42 -27.56 4.07
CA ASP A 292 -9.59 -26.44 4.51
C ASP A 292 -9.62 -25.19 3.62
N ILE A 293 -10.74 -24.85 3.06
CA ILE A 293 -10.77 -23.67 2.28
C ILE A 293 -11.17 -22.53 3.18
N ASN A 294 -10.38 -21.48 3.17
CA ASN A 294 -10.64 -20.35 4.03
C ASN A 294 -11.51 -19.28 3.41
N GLN A 295 -10.98 -18.49 2.51
CA GLN A 295 -11.71 -17.36 1.98
C GLN A 295 -12.32 -17.65 0.60
N LEU A 296 -13.55 -17.21 0.41
CA LEU A 296 -14.15 -17.22 -0.89
C LEU A 296 -14.69 -15.81 -1.08
N VAL A 297 -14.11 -15.11 -2.07
CA VAL A 297 -14.36 -13.71 -2.26
C VAL A 297 -14.92 -13.47 -3.70
N MET A 298 -15.63 -12.39 -3.89
CA MET A 298 -15.99 -12.00 -5.27
C MET A 298 -15.91 -10.50 -5.43
N CYS A 299 -15.83 -10.03 -6.68
CA CYS A 299 -15.91 -8.63 -7.05
C CYS A 299 -17.10 -8.34 -7.97
N PRO A 300 -18.06 -7.50 -7.53
CA PRO A 300 -19.29 -7.28 -8.33
C PRO A 300 -19.02 -6.49 -9.61
N THR A 301 -19.81 -6.70 -10.61
CA THR A 301 -19.73 -5.85 -11.77
C THR A 301 -20.01 -4.41 -11.36
N GLU A 302 -20.91 -4.19 -10.39
CA GLU A 302 -21.08 -2.85 -9.81
C GLU A 302 -20.28 -2.75 -8.54
N TYR A 303 -19.11 -2.13 -8.59
CA TYR A 303 -18.21 -2.18 -7.43
C TYR A 303 -17.94 -0.83 -6.74
N ASN A 304 -18.70 0.23 -7.11
CA ASN A 304 -18.60 1.50 -6.40
C ASN A 304 -19.92 2.26 -6.63
N LYS A 305 -20.32 3.09 -5.66
CA LYS A 305 -21.65 3.70 -5.74
C LYS A 305 -21.81 4.20 -7.15
N SER A 306 -20.91 5.08 -7.61
CA SER A 306 -21.03 5.73 -8.89
C SER A 306 -21.26 4.83 -10.14
N TRP A 307 -20.68 3.64 -10.08
CA TRP A 307 -20.89 2.53 -11.04
C TRP A 307 -22.14 1.62 -10.83
N SER A 308 -22.92 1.89 -9.79
CA SER A 308 -24.14 1.16 -9.59
C SER A 308 -25.33 1.84 -10.29
N ASN A 309 -26.06 1.05 -11.08
CA ASN A 309 -27.23 1.53 -11.86
C ASN A 309 -28.37 1.97 -11.00
N PRO A 310 -28.57 3.29 -10.91
CA PRO A 310 -29.69 3.85 -10.18
C PRO A 310 -30.94 2.97 -10.26
N ASN A 311 -31.39 2.68 -11.50
CA ASN A 311 -32.68 2.01 -11.82
C ASN A 311 -32.69 0.46 -11.78
N GLY A 312 -31.65 -0.17 -11.23
CA GLY A 312 -31.48 -1.59 -11.39
C GLY A 312 -31.36 -2.41 -10.13
N ASN A 313 -31.16 -3.71 -10.33
CA ASN A 313 -31.39 -4.69 -9.30
C ASN A 313 -30.12 -5.25 -8.73
N TYR A 314 -29.03 -4.93 -9.41
CA TYR A 314 -27.77 -5.66 -9.22
C TYR A 314 -27.33 -5.99 -7.80
N LEU A 315 -27.23 -5.02 -6.90
CA LEU A 315 -26.40 -5.27 -5.68
C LEU A 315 -27.20 -5.93 -4.55
N THR A 316 -28.49 -5.60 -4.52
CA THR A 316 -29.47 -6.25 -3.66
C THR A 316 -29.84 -7.69 -4.13
N THR A 317 -29.77 -7.96 -5.44
CA THR A 317 -29.85 -9.33 -5.94
C THR A 317 -28.68 -10.14 -5.40
N LEU A 318 -27.51 -9.54 -5.38
CA LEU A 318 -26.33 -10.25 -4.92
C LEU A 318 -26.43 -10.50 -3.42
N GLY A 319 -26.87 -9.48 -2.69
CA GLY A 319 -26.99 -9.53 -1.23
C GLY A 319 -28.05 -10.52 -0.78
N ASP A 320 -29.16 -10.58 -1.52
CA ASP A 320 -30.19 -11.63 -1.38
C ASP A 320 -29.63 -13.03 -1.76
N LYS A 321 -29.08 -13.19 -2.97
CA LYS A 321 -28.92 -14.52 -3.52
C LYS A 321 -27.62 -15.21 -3.15
N LEU A 322 -26.61 -14.43 -2.78
CA LEU A 322 -25.29 -14.97 -2.48
C LEU A 322 -25.15 -15.65 -1.09
N ASN A 323 -24.58 -16.86 -1.03
CA ASN A 323 -24.38 -17.53 0.25
C ASN A 323 -23.72 -16.59 1.25
N PRO A 324 -24.17 -16.60 2.53
CA PRO A 324 -23.63 -15.72 3.57
C PRO A 324 -22.14 -15.81 3.80
N SER A 325 -21.51 -16.92 3.46
CA SER A 325 -20.06 -17.04 3.69
C SER A 325 -19.23 -16.29 2.61
N ILE A 326 -19.87 -15.92 1.50
CA ILE A 326 -19.13 -15.35 0.36
C ILE A 326 -18.95 -13.84 0.50
N GLN A 327 -17.69 -13.37 0.46
CA GLN A 327 -17.35 -11.92 0.58
C GLN A 327 -17.65 -11.16 -0.70
N ILE A 328 -18.02 -9.89 -0.58
CA ILE A 328 -18.33 -9.06 -1.74
C ILE A 328 -17.44 -7.83 -1.62
N MET A 329 -16.62 -7.60 -2.66
CA MET A 329 -15.65 -6.51 -2.68
C MET A 329 -16.26 -5.15 -3.10
N TRP A 330 -15.63 -4.06 -2.65
CA TRP A 330 -16.19 -2.70 -2.84
C TRP A 330 -15.08 -1.65 -2.76
N THR A 331 -15.08 -0.72 -3.73
CA THR A 331 -13.98 0.28 -3.80
C THR A 331 -14.32 1.64 -3.15
N GLY A 332 -15.60 1.88 -2.87
CA GLY A 332 -16.01 3.13 -2.20
C GLY A 332 -17.10 3.76 -3.05
N ASP A 333 -17.23 5.09 -3.04
CA ASP A 333 -18.27 5.78 -3.84
C ASP A 333 -17.82 5.92 -5.28
N ARG A 334 -16.55 5.54 -5.57
CA ARG A 334 -16.03 5.69 -6.95
C ARG A 334 -14.91 4.71 -7.11
N VAL A 335 -14.40 4.54 -8.35
CA VAL A 335 -13.33 3.58 -8.62
C VAL A 335 -12.25 3.88 -7.63
N ILE A 336 -11.70 5.10 -7.64
CA ILE A 336 -10.78 5.63 -6.61
C ILE A 336 -11.49 6.47 -5.56
N SER A 337 -11.35 6.07 -4.31
CA SER A 337 -12.10 6.71 -3.26
C SER A 337 -11.73 6.24 -1.86
N ASP A 338 -11.99 7.10 -0.90
CA ASP A 338 -11.75 6.75 0.48
C ASP A 338 -13.04 6.22 1.11
N ILE A 339 -12.86 5.40 2.14
CA ILE A 339 -13.99 4.75 2.81
C ILE A 339 -14.55 5.57 4.03
N THR A 340 -15.74 6.17 3.83
CA THR A 340 -16.47 6.94 4.86
C THR A 340 -17.58 6.10 5.52
N ARG A 341 -18.23 6.65 6.54
CA ARG A 341 -19.27 5.93 7.24
C ARG A 341 -20.57 5.94 6.46
N ASP A 342 -20.86 7.06 5.79
CA ASP A 342 -22.03 7.13 4.93
C ASP A 342 -21.86 6.11 3.78
N GLY A 343 -20.71 6.16 3.09
CA GLY A 343 -20.38 5.19 2.02
C GLY A 343 -20.45 3.70 2.38
N ILE A 344 -19.81 3.31 3.48
CA ILE A 344 -19.87 1.91 3.95
C ILE A 344 -21.29 1.47 4.35
N SER A 345 -22.06 2.37 4.93
CA SER A 345 -23.45 2.06 5.27
C SER A 345 -24.30 1.81 4.04
N TRP A 346 -24.07 2.61 3.01
CA TRP A 346 -24.90 2.56 1.79
C TRP A 346 -24.74 1.20 1.10
N ILE A 347 -23.50 0.74 0.94
CA ILE A 347 -23.27 -0.57 0.37
C ILE A 347 -23.72 -1.71 1.28
N ASN A 348 -23.50 -1.58 2.59
CA ASN A 348 -23.84 -2.67 3.50
C ASN A 348 -25.36 -2.95 3.51
N GLU A 349 -26.17 -1.88 3.45
CA GLU A 349 -27.62 -2.03 3.39
C GLU A 349 -28.07 -2.92 2.24
N ARG A 350 -27.27 -3.02 1.19
CA ARG A 350 -27.72 -3.66 -0.05
C ARG A 350 -27.21 -5.08 -0.23
N ILE A 351 -25.99 -5.30 0.20
CA ILE A 351 -25.38 -6.62 0.07
C ILE A 351 -25.61 -7.48 1.32
N LYS A 352 -26.29 -6.90 2.31
CA LYS A 352 -26.76 -7.59 3.52
C LYS A 352 -25.62 -8.25 4.27
N ARG A 353 -24.44 -7.63 4.21
CA ARG A 353 -23.28 -8.09 4.97
C ARG A 353 -22.26 -6.95 4.94
N PRO A 354 -21.18 -7.06 5.76
CA PRO A 354 -20.09 -6.09 5.73
C PRO A 354 -19.20 -6.12 4.45
N ALA A 355 -19.19 -5.02 3.70
CA ALA A 355 -18.37 -4.93 2.51
C ALA A 355 -16.91 -5.33 2.76
N TYR A 356 -16.32 -5.98 1.75
CA TYR A 356 -14.92 -6.33 1.72
C TYR A 356 -14.19 -5.25 0.88
N ILE A 357 -13.41 -4.39 1.54
CA ILE A 357 -12.89 -3.19 0.86
C ILE A 357 -11.71 -3.50 -0.02
N TRP A 358 -11.87 -3.08 -1.28
CA TRP A 358 -10.77 -3.04 -2.26
C TRP A 358 -10.49 -1.52 -2.44
N TRP A 359 -9.43 -1.05 -1.80
CA TRP A 359 -9.02 0.37 -1.81
C TRP A 359 -7.96 0.71 -2.89
N ASN A 360 -8.38 1.43 -3.92
CA ASN A 360 -7.45 1.74 -5.00
C ASN A 360 -6.47 2.84 -4.68
N PHE A 361 -5.56 2.52 -3.75
CA PHE A 361 -4.42 3.33 -3.40
C PHE A 361 -3.39 2.37 -2.79
N PRO A 362 -2.10 2.45 -3.20
CA PRO A 362 -1.47 3.52 -3.98
C PRO A 362 -1.37 3.27 -5.48
N VAL A 363 -2.31 2.49 -6.02
CA VAL A 363 -2.28 2.07 -7.42
C VAL A 363 -2.14 3.28 -8.30
N SER A 364 -1.40 3.15 -9.41
CA SER A 364 -1.04 4.30 -10.24
C SER A 364 -1.20 4.01 -11.72
N ASP A 365 -1.97 2.97 -12.04
CA ASP A 365 -2.06 2.46 -13.39
C ASP A 365 -2.88 3.33 -14.32
N TYR A 366 -3.40 4.43 -13.77
CA TYR A 366 -4.04 5.39 -14.59
C TYR A 366 -3.25 6.69 -14.49
N VAL A 367 -2.11 6.66 -13.78
CA VAL A 367 -1.15 7.80 -13.69
C VAL A 367 0.28 7.22 -13.64
N ARG A 368 0.63 6.45 -14.65
CA ARG A 368 1.88 5.70 -14.62
C ARG A 368 3.16 6.53 -14.67
N ASP A 369 3.03 7.85 -14.89
CA ASP A 369 4.15 8.78 -14.81
C ASP A 369 4.36 9.39 -13.42
N HIS A 370 3.48 9.00 -12.48
CA HIS A 370 3.57 9.44 -11.10
C HIS A 370 3.87 8.28 -10.17
N LEU A 371 4.63 8.60 -9.12
CA LEU A 371 4.87 7.72 -7.97
C LEU A 371 4.05 8.30 -6.84
N LEU A 372 3.32 7.47 -6.09
CA LEU A 372 2.44 7.89 -4.97
C LEU A 372 2.98 7.33 -3.65
N LEU A 373 3.83 8.15 -3.02
CA LEU A 373 4.59 7.72 -1.87
C LEU A 373 4.08 8.48 -0.65
N GLY A 374 2.95 9.16 -0.77
CA GLY A 374 2.39 9.91 0.35
C GLY A 374 1.76 9.02 1.44
N PRO A 375 1.35 9.63 2.57
CA PRO A 375 0.65 8.89 3.61
C PRO A 375 -0.73 8.37 3.20
N VAL A 376 -1.16 7.31 3.90
CA VAL A 376 -2.50 6.72 3.78
C VAL A 376 -3.44 7.42 4.79
N TYR A 377 -4.51 8.02 4.26
CA TYR A 377 -5.50 8.78 4.99
C TYR A 377 -6.82 8.85 4.21
N GLY A 378 -7.86 9.41 4.84
CA GLY A 378 -9.15 9.65 4.20
C GLY A 378 -10.21 8.63 4.57
N ASN A 379 -9.75 7.52 5.14
CA ASN A 379 -10.63 6.43 5.57
C ASN A 379 -11.06 6.58 7.03
N ASP A 380 -12.38 6.55 7.25
CA ASP A 380 -13.00 6.66 8.56
C ASP A 380 -12.45 5.59 9.51
N THR A 381 -12.10 6.01 10.73
CA THR A 381 -11.42 5.13 11.68
C THR A 381 -12.39 4.47 12.65
N THR A 382 -13.68 4.75 12.51
CA THR A 382 -14.67 4.25 13.46
C THR A 382 -15.52 3.12 12.88
N ILE A 383 -15.17 2.62 11.70
CA ILE A 383 -16.12 1.79 10.93
C ILE A 383 -15.68 0.34 10.81
N ALA A 384 -14.68 -0.05 11.61
CA ALA A 384 -14.11 -1.39 11.57
C ALA A 384 -15.16 -2.46 11.54
N LYS A 385 -16.14 -2.38 12.43
CA LYS A 385 -17.26 -3.32 12.45
C LYS A 385 -18.01 -3.44 11.13
N GLU A 386 -17.88 -2.43 10.28
CA GLU A 386 -18.72 -2.34 9.09
C GLU A 386 -18.01 -2.91 7.87
N MET A 387 -16.81 -3.44 8.04
CA MET A 387 -16.08 -4.08 6.94
C MET A 387 -15.49 -5.47 7.26
N SER A 388 -15.65 -6.40 6.30
CA SER A 388 -15.12 -7.78 6.47
C SER A 388 -13.63 -7.82 6.23
N GLY A 389 -13.15 -6.92 5.40
CA GLY A 389 -11.76 -6.95 5.02
C GLY A 389 -11.37 -5.60 4.51
N PHE A 390 -10.08 -5.37 4.43
CA PHE A 390 -9.61 -4.11 3.85
C PHE A 390 -8.32 -4.42 3.10
N VAL A 391 -8.40 -4.34 1.76
CA VAL A 391 -7.22 -4.54 0.93
C VAL A 391 -6.86 -3.33 0.06
N THR A 392 -5.54 -3.14 -0.06
CA THR A 392 -4.91 -2.14 -0.95
C THR A 392 -4.47 -2.69 -2.34
N ASN A 393 -5.02 -2.14 -3.43
CA ASN A 393 -4.45 -2.27 -4.78
C ASN A 393 -3.14 -1.37 -4.82
N PRO A 394 -1.89 -1.98 -4.90
CA PRO A 394 -0.61 -1.26 -4.91
C PRO A 394 -0.13 -0.75 -6.29
N MET A 395 1.10 -0.18 -6.34
CA MET A 395 1.65 0.26 -7.65
C MET A 395 2.33 -0.93 -8.26
N GLU A 396 2.55 -0.87 -9.56
CA GLU A 396 3.38 -1.87 -10.18
C GLU A 396 4.82 -1.82 -9.61
N HIS A 397 5.15 -0.76 -8.87
CA HIS A 397 6.42 -0.68 -8.12
C HIS A 397 6.22 -1.33 -6.74
N ALA A 398 6.61 -2.59 -6.64
CA ALA A 398 6.36 -3.40 -5.43
C ALA A 398 6.88 -2.74 -4.16
N GLU A 399 8.11 -2.30 -4.18
CA GLU A 399 8.80 -1.84 -2.92
C GLU A 399 8.39 -0.41 -2.55
N SER A 400 8.21 0.43 -3.56
CA SER A 400 7.74 1.79 -3.34
C SER A 400 6.39 1.71 -2.67
N SER A 401 5.65 0.65 -2.99
CA SER A 401 4.32 0.38 -2.39
C SER A 401 4.33 0.04 -0.89
N LYS A 402 5.47 -0.40 -0.38
CA LYS A 402 5.54 -0.84 0.99
C LYS A 402 5.25 0.30 1.99
N ILE A 403 5.23 1.55 1.51
CA ILE A 403 4.99 2.72 2.38
C ILE A 403 3.49 2.73 2.75
N ALA A 404 2.63 2.59 1.74
CA ALA A 404 1.17 2.50 1.94
C ALA A 404 0.76 1.16 2.56
N ILE A 405 1.34 0.07 2.07
CA ILE A 405 1.07 -1.25 2.61
C ILE A 405 1.35 -1.33 4.12
N TYR A 406 2.46 -0.81 4.58
CA TYR A 406 2.76 -0.78 6.00
C TYR A 406 1.69 0.06 6.70
N SER A 407 1.15 1.08 6.02
CA SER A 407 0.24 2.01 6.69
C SER A 407 -1.15 1.42 6.73
N VAL A 408 -1.54 0.77 5.64
CA VAL A 408 -2.82 0.06 5.57
C VAL A 408 -2.82 -1.08 6.63
N ALA A 409 -1.70 -1.81 6.74
CA ALA A 409 -1.58 -2.82 7.79
C ALA A 409 -1.90 -2.28 9.18
N SER A 410 -1.29 -1.14 9.50
CA SER A 410 -1.57 -0.40 10.72
C SER A 410 -3.04 0.09 10.87
N TYR A 411 -3.58 0.77 9.87
CA TYR A 411 -4.98 1.21 9.89
C TYR A 411 -5.99 0.07 10.17
N ALA A 412 -5.88 -1.03 9.47
CA ALA A 412 -6.85 -2.14 9.51
C ALA A 412 -6.73 -3.00 10.75
N TRP A 413 -5.54 -3.06 11.35
CA TRP A 413 -5.36 -3.80 12.60
C TRP A 413 -6.01 -3.06 13.76
N ASN A 414 -5.73 -1.76 13.86
CA ASN A 414 -6.23 -0.98 14.98
C ASN A 414 -6.55 0.42 14.45
N PRO A 415 -7.70 0.57 13.76
CA PRO A 415 -8.01 1.88 13.20
C PRO A 415 -8.19 2.99 14.23
N ALA A 416 -8.51 2.65 15.47
CA ALA A 416 -8.82 3.66 16.48
C ALA A 416 -7.53 4.40 16.89
N LYS A 417 -6.39 3.74 16.73
CA LYS A 417 -5.11 4.31 17.11
C LYS A 417 -4.29 4.74 15.91
N TYR A 418 -4.90 4.69 14.73
CA TYR A 418 -4.22 4.97 13.49
C TYR A 418 -3.75 6.42 13.39
N ASP A 419 -2.46 6.57 13.15
CA ASP A 419 -1.78 7.85 13.08
C ASP A 419 -1.13 7.93 11.70
N THR A 420 -1.75 8.67 10.78
CA THR A 420 -1.29 8.78 9.39
C THR A 420 0.19 9.11 9.26
N TRP A 421 0.53 10.28 9.78
CA TRP A 421 1.84 10.86 9.61
C TRP A 421 2.89 10.02 10.32
N GLN A 422 2.59 9.60 11.55
CA GLN A 422 3.56 8.78 12.31
C GLN A 422 3.83 7.41 11.68
N THR A 423 2.79 6.79 11.13
CA THR A 423 2.96 5.48 10.54
C THR A 423 3.76 5.61 9.24
N TRP A 424 3.44 6.63 8.45
CA TRP A 424 4.20 6.99 7.26
C TRP A 424 5.70 7.05 7.53
N LYS A 425 6.11 7.87 8.52
CA LYS A 425 7.52 7.96 8.90
C LYS A 425 8.10 6.63 9.34
N ASP A 426 7.30 5.86 10.09
CA ASP A 426 7.67 4.52 10.53
C ASP A 426 7.87 3.54 9.38
N ALA A 427 7.05 3.69 8.34
CA ALA A 427 7.14 2.87 7.11
C ALA A 427 8.48 3.08 6.41
N ILE A 428 8.76 4.34 6.12
CA ILE A 428 10.03 4.81 5.60
C ILE A 428 11.27 4.32 6.40
N ARG A 429 11.28 4.50 7.72
CA ARG A 429 12.35 4.02 8.62
C ARG A 429 12.49 2.52 8.49
N THR A 430 11.38 1.82 8.20
CA THR A 430 11.42 0.37 8.06
C THR A 430 12.04 -0.05 6.73
N ILE A 431 11.58 0.55 5.63
CA ILE A 431 12.09 0.25 4.28
C ILE A 431 13.54 0.64 4.08
N LEU A 432 13.87 1.83 4.59
CA LEU A 432 15.16 2.44 4.28
C LEU A 432 15.73 3.13 5.50
N PRO A 433 16.11 2.36 6.53
CA PRO A 433 16.68 3.05 7.72
C PRO A 433 17.97 3.81 7.47
N SER A 434 18.73 3.41 6.45
CA SER A 434 20.09 3.97 6.25
C SER A 434 19.97 5.34 5.61
N ALA A 435 18.83 5.61 4.97
CA ALA A 435 18.56 6.88 4.31
C ALA A 435 17.09 7.34 4.45
N ALA A 436 16.52 7.19 5.65
CA ALA A 436 15.10 7.49 5.96
C ALA A 436 14.72 8.95 5.80
N GLU A 437 15.55 9.84 6.33
CA GLU A 437 15.38 11.27 6.18
C GLU A 437 15.30 11.66 4.69
N GLU A 438 16.15 11.04 3.88
CA GLU A 438 16.21 11.30 2.43
C GLU A 438 14.97 10.77 1.67
N LEU A 439 14.52 9.54 2.00
CA LEU A 439 13.29 9.00 1.42
C LEU A 439 12.02 9.79 1.79
N GLU A 440 12.00 10.33 3.02
CA GLU A 440 10.91 11.15 3.48
C GLU A 440 10.80 12.44 2.70
N CYS A 441 11.95 13.08 2.48
CA CYS A 441 12.02 14.25 1.62
C CYS A 441 11.51 13.94 0.22
N PHE A 442 12.07 12.91 -0.39
CA PHE A 442 11.62 12.51 -1.71
C PHE A 442 10.13 12.17 -1.74
N ALA A 443 9.68 11.38 -0.76
CA ALA A 443 8.28 10.93 -0.67
C ALA A 443 7.29 12.08 -0.40
N MET A 444 7.68 13.08 0.40
CA MET A 444 6.84 14.30 0.66
C MET A 444 6.47 15.00 -0.63
N HIS A 445 7.38 14.95 -1.59
CA HIS A 445 7.20 15.71 -2.82
C HIS A 445 6.79 14.86 -4.02
N ASN A 446 6.39 13.62 -3.73
CA ASN A 446 5.86 12.68 -4.70
C ASN A 446 4.65 11.97 -4.13
N SER A 447 3.52 12.69 -4.06
CA SER A 447 2.33 12.18 -3.37
CA SER A 447 2.34 12.12 -3.41
C SER A 447 1.04 12.34 -4.16
N ASP A 448 0.93 13.46 -4.87
CA ASP A 448 -0.23 13.82 -5.65
C ASP A 448 -0.25 13.06 -6.99
N LEU A 449 -1.46 13.02 -7.56
CA LEU A 449 -1.69 12.24 -8.78
C LEU A 449 -1.63 13.16 -9.97
N GLY A 450 -1.75 14.46 -9.71
CA GLY A 450 -1.97 15.45 -10.75
C GLY A 450 -3.35 15.17 -11.30
N PRO A 451 -3.86 16.06 -12.17
CA PRO A 451 -5.19 15.84 -12.73
C PRO A 451 -5.20 14.49 -13.44
N ASN A 452 -6.34 13.82 -13.42
CA ASN A 452 -6.41 12.46 -13.93
C ASN A 452 -7.84 12.03 -14.26
N GLY A 453 -7.95 10.86 -14.92
CA GLY A 453 -9.22 10.37 -15.51
C GLY A 453 -10.26 9.95 -14.47
N HIS A 454 -9.75 9.62 -13.29
CA HIS A 454 -10.50 9.24 -12.09
C HIS A 454 -10.64 10.39 -11.06
N GLY A 455 -10.31 11.64 -11.44
CA GLY A 455 -10.46 12.84 -10.57
C GLY A 455 -10.03 12.79 -9.08
N TYR A 456 -9.00 12.01 -8.76
CA TYR A 456 -8.58 11.76 -7.36
C TYR A 456 -7.20 12.34 -7.02
N ARG A 457 -7.12 13.10 -5.92
CA ARG A 457 -5.91 13.84 -5.59
C ARG A 457 -5.46 13.59 -4.15
N ARG A 458 -4.22 13.98 -3.87
CA ARG A 458 -3.62 13.87 -2.54
C ARG A 458 -2.73 15.09 -2.26
N GLU A 459 -2.63 15.45 -0.99
CA GLU A 459 -1.73 16.51 -0.51
C GLU A 459 -0.30 16.24 -0.93
N GLU A 460 0.47 17.30 -1.04
CA GLU A 460 1.86 17.21 -1.43
C GLU A 460 2.59 18.45 -1.00
N SER A 461 3.78 18.26 -0.46
CA SER A 461 4.69 19.37 -0.19
C SER A 461 4.06 20.37 0.78
N MET A 462 3.28 19.82 1.72
CA MET A 462 2.55 20.62 2.73
C MET A 462 3.43 21.45 3.68
N ASP A 463 4.53 20.88 4.13
CA ASP A 463 5.54 21.57 4.95
C ASP A 463 6.04 22.93 4.41
N ILE A 464 6.27 22.98 3.10
CA ILE A 464 6.92 24.12 2.43
C ILE A 464 5.89 25.03 1.75
N GLN A 465 4.65 24.57 1.69
CA GLN A 465 3.52 25.32 1.16
C GLN A 465 3.34 26.73 1.70
N PRO A 466 3.31 26.89 3.06
CA PRO A 466 3.14 28.23 3.61
C PRO A 466 4.18 29.20 3.04
N ALA A 467 5.45 28.80 3.08
CA ALA A 467 6.53 29.61 2.52
C ALA A 467 6.38 29.85 1.02
N ALA A 468 5.94 28.83 0.27
CA ALA A 468 5.70 28.93 -1.17
C ALA A 468 4.78 30.11 -1.54
N GLU A 469 3.60 30.14 -0.93
CA GLU A 469 2.61 31.19 -1.22
C GLU A 469 2.90 32.58 -0.63
N ARG A 470 3.70 32.59 0.46
CA ARG A 470 4.11 33.77 1.22
C ARG A 470 5.25 34.48 0.50
N PHE A 471 5.74 33.80 -0.52
CA PHE A 471 6.72 34.23 -1.48
C PHE A 471 6.06 34.72 -2.77
N LEU A 472 5.27 33.85 -3.39
CA LEU A 472 4.70 34.15 -4.71
C LEU A 472 3.59 35.21 -4.73
N LYS A 473 2.81 35.31 -3.65
CA LYS A 473 1.81 36.38 -3.55
C LYS A 473 2.51 37.72 -3.38
N ALA A 474 3.57 37.76 -2.57
CA ALA A 474 4.40 38.97 -2.40
C ALA A 474 5.12 39.35 -3.70
N PHE A 475 5.86 38.41 -4.26
CA PHE A 475 6.63 38.63 -5.47
C PHE A 475 5.81 39.19 -6.64
N LYS A 476 4.69 38.55 -6.94
CA LYS A 476 3.81 38.91 -8.07
C LYS A 476 3.49 40.41 -8.17
N GLU A 477 3.01 41.00 -7.07
CA GLU A 477 2.53 42.39 -7.12
C GLU A 477 3.53 43.47 -6.63
N GLY A 478 4.81 43.14 -6.66
CA GLY A 478 5.87 44.11 -6.36
C GLY A 478 6.25 44.22 -4.89
N LYS A 479 5.66 43.35 -4.07
CA LYS A 479 5.83 43.38 -2.61
C LYS A 479 7.05 42.55 -2.16
N ASN A 480 7.91 43.13 -1.31
CA ASN A 480 9.15 42.45 -0.86
C ASN A 480 8.93 41.21 0.04
N TYR A 481 9.62 40.12 -0.31
CA TYR A 481 9.46 38.81 0.33
C TYR A 481 10.13 38.70 1.71
N ASP A 482 9.66 37.76 2.54
CA ASP A 482 10.31 37.55 3.84
C ASP A 482 11.56 36.68 3.71
N LYS A 483 12.61 37.08 4.43
CA LYS A 483 13.86 36.33 4.47
C LYS A 483 13.58 34.85 4.73
N ALA A 484 12.87 34.57 5.83
CA ALA A 484 12.54 33.20 6.23
C ALA A 484 11.78 32.35 5.19
N ASP A 485 11.06 32.99 4.27
CA ASP A 485 10.36 32.28 3.16
C ASP A 485 11.36 31.85 2.07
N PHE A 486 12.16 32.81 1.60
CA PHE A 486 13.26 32.58 0.67
C PHE A 486 14.13 31.42 1.19
N GLU A 487 14.57 31.52 2.44
CA GLU A 487 15.52 30.58 3.04
C GLU A 487 14.96 29.18 3.17
N THR A 488 13.65 29.09 3.48
CA THR A 488 12.97 27.79 3.58
C THR A 488 12.94 27.12 2.20
N LEU A 489 12.64 27.93 1.17
CA LEU A 489 12.63 27.49 -0.23
C LEU A 489 14.01 27.06 -0.73
N GLN A 490 15.04 27.87 -0.44
CA GLN A 490 16.41 27.48 -0.79
C GLN A 490 16.83 26.26 0.02
N TYR A 491 16.45 26.23 1.29
CA TYR A 491 16.63 25.04 2.15
C TYR A 491 15.99 23.81 1.47
N THR A 492 14.72 23.98 1.11
CA THR A 492 13.95 22.93 0.46
C THR A 492 14.72 22.37 -0.74
N PHE A 493 15.13 23.27 -1.64
CA PHE A 493 15.86 22.87 -2.84
C PHE A 493 17.21 22.23 -2.56
N GLU A 494 17.95 22.78 -1.60
CA GLU A 494 19.22 22.18 -1.17
C GLU A 494 19.03 20.75 -0.66
N ARG A 495 17.99 20.55 0.16
CA ARG A 495 17.71 19.25 0.74
C ARG A 495 17.24 18.20 -0.30
N MET A 496 16.49 18.65 -1.31
CA MET A 496 16.02 17.77 -2.36
C MET A 496 17.17 17.17 -3.12
N LYS A 497 18.20 17.98 -3.35
CA LYS A 497 19.37 17.55 -4.08
C LYS A 497 20.22 16.53 -3.32
N GLU A 498 20.54 16.86 -2.08
CA GLU A 498 21.21 15.93 -1.16
C GLU A 498 20.46 14.60 -1.09
N SER A 499 19.14 14.67 -0.97
CA SER A 499 18.31 13.47 -0.88
C SER A 499 18.40 12.63 -2.13
N ALA A 500 18.24 13.26 -3.29
CA ALA A 500 18.28 12.58 -4.58
C ALA A 500 19.61 11.88 -4.82
N ASP A 501 20.70 12.56 -4.49
CA ASP A 501 22.02 11.99 -4.74
C ASP A 501 22.34 10.83 -3.79
N ILE A 502 21.88 10.92 -2.53
CA ILE A 502 22.10 9.88 -1.53
C ILE A 502 21.27 8.64 -1.87
N LEU A 503 20.07 8.88 -2.39
CA LEU A 503 19.17 7.83 -2.80
C LEU A 503 19.64 7.04 -4.02
N LEU A 504 20.10 7.72 -5.07
CA LEU A 504 20.61 7.03 -6.24
C LEU A 504 21.73 6.03 -5.89
N MET A 505 22.51 6.34 -4.86
CA MET A 505 23.70 5.55 -4.54
C MET A 505 23.54 4.53 -3.38
N ASN A 506 22.31 4.35 -2.93
CA ASN A 506 22.04 3.46 -1.81
C ASN A 506 21.89 2.01 -2.24
N THR A 507 22.56 1.13 -1.52
CA THR A 507 22.59 -0.29 -1.83
C THR A 507 21.94 -1.13 -0.72
N GLU A 508 21.20 -0.48 0.17
CA GLU A 508 20.48 -1.22 1.24
C GLU A 508 19.19 -1.79 0.69
N ASN A 509 18.49 -1.01 -0.10
CA ASN A 509 17.31 -1.50 -0.79
C ASN A 509 17.41 -1.20 -2.29
N LYS A 510 18.23 -2.01 -2.96
CA LYS A 510 18.46 -1.88 -4.38
C LYS A 510 17.18 -1.92 -5.24
N PRO A 511 16.30 -2.93 -5.04
CA PRO A 511 15.09 -2.91 -5.85
C PRO A 511 14.32 -1.61 -5.69
N LEU A 512 14.09 -1.10 -4.48
CA LEU A 512 13.44 0.22 -4.35
C LEU A 512 14.12 1.28 -5.21
N ILE A 513 15.43 1.36 -5.11
CA ILE A 513 16.18 2.38 -5.85
C ILE A 513 16.01 2.23 -7.37
N VAL A 514 16.03 1.01 -7.90
CA VAL A 514 15.77 0.80 -9.31
C VAL A 514 14.37 1.32 -9.70
N GLU A 515 13.36 1.06 -8.88
CA GLU A 515 12.01 1.54 -9.22
C GLU A 515 11.96 3.06 -9.37
N ILE A 516 12.54 3.76 -8.40
CA ILE A 516 12.32 5.19 -8.26
C ILE A 516 13.33 6.04 -9.00
N THR A 517 14.38 5.42 -9.54
CA THR A 517 15.53 6.14 -10.15
C THR A 517 15.18 7.22 -11.24
N PRO A 518 14.26 6.91 -12.19
CA PRO A 518 13.91 8.01 -13.11
C PRO A 518 13.28 9.22 -12.45
N TRP A 519 12.49 8.98 -11.41
CA TRP A 519 11.90 10.09 -10.61
C TRP A 519 12.93 10.79 -9.69
N VAL A 520 13.93 10.06 -9.18
CA VAL A 520 15.03 10.67 -8.37
C VAL A 520 15.85 11.65 -9.24
N HIS A 521 16.11 11.27 -10.49
CA HIS A 521 16.74 12.17 -11.47
C HIS A 521 15.92 13.42 -11.75
N GLN A 522 14.64 13.26 -12.06
CA GLN A 522 13.77 14.38 -12.38
C GLN A 522 13.58 15.31 -11.19
N PHE A 523 13.49 14.72 -10.00
CA PHE A 523 13.35 15.40 -8.71
C PHE A 523 14.55 16.32 -8.46
N LYS A 524 15.75 15.80 -8.76
CA LYS A 524 16.97 16.58 -8.66
C LYS A 524 17.05 17.76 -9.65
N LEU A 525 16.67 17.56 -10.89
CA LEU A 525 16.64 18.64 -11.87
C LEU A 525 15.63 19.69 -11.47
N THR A 526 14.52 19.25 -10.86
CA THR A 526 13.51 20.15 -10.30
C THR A 526 14.09 21.04 -9.20
N ALA A 527 14.82 20.47 -8.25
CA ALA A 527 15.46 21.25 -7.21
C ALA A 527 16.46 22.23 -7.82
N GLU A 528 17.27 21.76 -8.78
CA GLU A 528 18.33 22.55 -9.40
C GLU A 528 17.74 23.72 -10.14
N MET A 529 16.65 23.48 -10.84
CA MET A 529 15.92 24.55 -11.49
C MET A 529 15.35 25.54 -10.49
N GLY A 530 14.89 25.07 -9.34
CA GLY A 530 14.43 25.95 -8.28
C GLY A 530 15.49 26.89 -7.76
N GLU A 531 16.68 26.35 -7.47
CA GLU A 531 17.81 27.14 -7.01
C GLU A 531 18.20 28.24 -7.99
N GLU A 532 18.19 27.90 -9.27
CA GLU A 532 18.58 28.81 -10.33
C GLU A 532 17.55 29.90 -10.55
N VAL A 533 16.28 29.56 -10.37
CA VAL A 533 15.20 30.57 -10.46
C VAL A 533 15.29 31.57 -9.29
N LEU A 534 15.60 31.06 -8.10
CA LEU A 534 15.78 31.92 -6.92
C LEU A 534 16.98 32.84 -7.08
N LYS A 535 18.00 32.37 -7.79
CA LYS A 535 19.18 33.19 -8.04
C LYS A 535 18.85 34.35 -8.99
N MET A 536 17.96 34.08 -9.94
CA MET A 536 17.38 35.12 -10.80
C MET A 536 16.62 36.17 -9.99
N VAL A 537 16.07 35.79 -8.86
CA VAL A 537 15.31 36.73 -8.07
C VAL A 537 16.25 37.59 -7.23
N GLU A 538 17.27 36.98 -6.68
CA GLU A 538 18.18 37.76 -5.93
C GLU A 538 19.24 38.22 -6.90
N GLY A 539 18.76 38.46 -8.12
CA GLY A 539 19.55 38.64 -9.32
C GLY A 539 20.48 39.82 -9.41
N ARG A 540 21.77 39.55 -9.27
CA ARG A 540 22.81 40.56 -9.19
C ARG A 540 22.93 41.58 -10.35
N ASN A 541 23.06 41.14 -11.61
CA ASN A 541 23.53 42.03 -12.69
C ASN A 541 23.03 41.26 -13.91
N GLU A 542 22.68 41.96 -14.96
CA GLU A 542 22.09 41.37 -16.18
C GLU A 542 22.83 40.16 -16.74
N SER A 543 24.15 40.14 -16.72
CA SER A 543 24.81 39.05 -17.36
C SER A 543 24.56 37.85 -16.50
N TYR A 544 24.65 38.07 -15.20
CA TYR A 544 24.38 37.02 -14.23
C TYR A 544 22.97 36.51 -14.43
N PHE A 545 22.03 37.45 -14.55
CA PHE A 545 20.62 37.13 -14.78
C PHE A 545 20.46 36.22 -16.01
N LEU A 546 21.12 36.60 -17.11
CA LEU A 546 21.00 35.88 -18.37
C LEU A 546 21.62 34.48 -18.32
N ARG A 547 22.69 34.32 -17.52
CA ARG A 547 23.32 33.03 -17.30
C ARG A 547 22.34 32.07 -16.64
N LYS A 548 21.71 32.52 -15.56
CA LYS A 548 20.71 31.71 -14.85
C LYS A 548 19.52 31.44 -15.76
N TYR A 549 19.08 32.46 -16.49
CA TYR A 549 17.98 32.32 -17.45
C TYR A 549 18.26 31.15 -18.39
N ASN A 550 19.46 31.14 -18.98
CA ASN A 550 19.90 30.09 -19.89
C ASN A 550 20.08 28.71 -19.25
N HIS A 551 20.57 28.68 -18.02
CA HIS A 551 20.65 27.43 -17.27
C HIS A 551 19.23 26.86 -16.99
N VAL A 552 18.28 27.73 -16.63
CA VAL A 552 16.89 27.29 -16.41
C VAL A 552 16.28 26.63 -17.67
N LYS A 553 16.39 27.31 -18.81
CA LYS A 553 15.83 26.80 -20.06
C LYS A 553 16.43 25.43 -20.42
N ALA A 554 17.70 25.22 -20.05
CA ALA A 554 18.41 23.96 -20.31
C ALA A 554 18.10 22.82 -19.35
N LEU A 555 17.81 23.18 -18.10
CA LEU A 555 17.39 22.22 -17.07
C LEU A 555 16.00 21.68 -17.38
N GLN A 556 15.13 22.58 -17.82
CA GLN A 556 13.82 22.26 -18.37
C GLN A 556 13.90 21.34 -19.60
N GLN A 557 14.82 21.62 -20.51
CA GLN A 557 15.04 20.77 -21.68
C GLN A 557 15.49 19.37 -21.26
N GLN A 558 16.28 19.30 -20.19
CA GLN A 558 16.73 18.05 -19.63
C GLN A 558 15.56 17.25 -19.04
N MET A 559 14.59 17.93 -18.43
CA MET A 559 13.42 17.28 -17.86
C MET A 559 12.47 16.71 -18.91
N PHE A 560 12.30 17.47 -19.99
CA PHE A 560 11.61 16.96 -21.14
C PHE A 560 12.36 15.77 -21.68
N TYR A 561 13.69 15.83 -21.70
CA TYR A 561 14.44 14.70 -22.21
C TYR A 561 14.13 13.42 -21.44
N ILE A 562 14.19 13.49 -20.12
CA ILE A 562 13.84 12.38 -19.27
C ILE A 562 12.36 11.96 -19.42
N ASP A 563 11.48 12.94 -19.40
CA ASP A 563 10.05 12.69 -19.59
C ASP A 563 9.70 12.02 -20.93
N GLN A 564 10.64 12.02 -21.87
CA GLN A 564 10.37 11.51 -23.21
C GLN A 564 11.18 10.29 -23.56
N THR A 565 12.08 9.90 -22.66
CA THR A 565 12.96 8.76 -22.87
C THR A 565 12.81 7.68 -21.80
N SER A 566 12.49 8.08 -20.57
CA SER A 566 12.25 7.15 -19.46
C SER A 566 10.75 6.80 -19.33
N ASN A 567 10.48 5.60 -18.81
CA ASN A 567 9.11 5.17 -18.48
C ASN A 567 8.12 5.41 -19.63
N GLN A 568 8.50 4.94 -20.81
CA GLN A 568 7.73 5.25 -21.98
C GLN A 568 6.61 4.21 -22.19
N ASN A 569 5.73 4.04 -21.20
CA ASN A 569 4.55 3.19 -21.35
C ASN A 569 3.59 3.84 -22.33
N PRO A 570 2.55 3.11 -22.78
CA PRO A 570 1.62 3.62 -23.80
C PRO A 570 0.47 4.46 -23.22
N TYR A 571 0.40 4.54 -21.88
CA TYR A 571 -0.75 5.15 -21.23
C TYR A 571 -0.42 6.53 -20.73
N GLN A 572 0.55 6.63 -19.82
CA GLN A 572 1.02 7.93 -19.40
C GLN A 572 2.53 7.79 -19.38
N PRO A 573 3.16 8.08 -20.53
CA PRO A 573 4.60 8.02 -20.70
C PRO A 573 5.33 9.13 -19.90
N GLY A 574 6.40 8.76 -19.22
CA GLY A 574 7.29 9.77 -18.68
C GLY A 574 7.49 9.71 -17.18
N VAL A 575 7.92 10.85 -16.65
CA VAL A 575 8.37 10.97 -15.28
C VAL A 575 7.96 12.38 -14.84
N LYS A 576 6.86 12.48 -14.07
CA LYS A 576 6.47 13.73 -13.41
C LYS A 576 6.73 13.64 -11.90
N THR A 577 7.17 14.76 -11.32
CA THR A 577 7.51 14.82 -9.90
C THR A 577 7.28 16.21 -9.32
N ALA A 578 7.05 16.29 -8.00
CA ALA A 578 6.91 17.57 -7.29
C ALA A 578 5.99 18.51 -8.04
N THR A 579 4.86 17.95 -8.51
CA THR A 579 4.00 18.60 -9.50
C THR A 579 2.95 19.50 -8.89
N ARG A 580 2.53 19.20 -7.65
CA ARG A 580 1.43 19.94 -7.05
C ARG A 580 1.76 21.38 -6.62
N VAL A 581 2.95 21.55 -6.05
CA VAL A 581 3.31 22.78 -5.36
C VAL A 581 4.64 23.32 -5.90
N ILE A 582 5.65 22.46 -5.87
CA ILE A 582 7.02 22.88 -6.17
C ILE A 582 7.25 23.31 -7.64
N LYS A 583 6.91 22.44 -8.59
CA LYS A 583 7.05 22.82 -9.98
C LYS A 583 6.27 24.07 -10.34
N PRO A 584 4.97 24.17 -9.96
CA PRO A 584 4.27 25.43 -10.27
C PRO A 584 4.86 26.66 -9.58
N LEU A 585 5.42 26.52 -8.38
CA LEU A 585 6.11 27.65 -7.74
C LEU A 585 7.26 28.10 -8.62
N ILE A 586 8.11 27.14 -8.97
CA ILE A 586 9.28 27.38 -9.80
C ILE A 586 8.90 27.97 -11.18
N ASP A 587 7.88 27.39 -11.81
CA ASP A 587 7.35 27.90 -13.08
C ASP A 587 6.78 29.31 -12.96
N ARG A 588 5.86 29.50 -12.02
CA ARG A 588 5.21 30.80 -11.87
C ARG A 588 6.22 31.92 -11.52
N THR A 589 7.26 31.57 -10.76
CA THR A 589 8.28 32.54 -10.34
C THR A 589 9.25 32.90 -11.48
N PHE A 590 9.51 31.92 -12.34
CA PHE A 590 10.34 32.13 -13.49
C PHE A 590 9.64 33.12 -14.41
N ALA A 591 8.39 32.84 -14.75
CA ALA A 591 7.62 33.74 -15.61
C ALA A 591 7.60 35.16 -15.07
N THR A 592 7.57 35.31 -13.75
CA THR A 592 7.42 36.61 -13.12
C THR A 592 8.71 37.43 -13.16
N VAL A 593 9.83 36.82 -12.79
CA VAL A 593 11.11 37.53 -12.77
C VAL A 593 11.57 37.92 -14.19
N VAL A 594 11.31 37.04 -15.16
CA VAL A 594 11.57 37.31 -16.59
C VAL A 594 10.74 38.52 -17.05
N LYS A 595 9.48 38.54 -16.62
CA LYS A 595 8.55 39.63 -16.90
C LYS A 595 9.10 40.97 -16.37
N PHE A 596 9.59 40.96 -15.13
CA PHE A 596 10.14 42.15 -14.49
C PHE A 596 11.42 42.61 -15.15
N PHE A 597 12.18 41.65 -15.69
CA PHE A 597 13.41 41.99 -16.43
C PHE A 597 13.01 42.64 -17.76
N ASN A 598 11.97 42.09 -18.41
CA ASN A 598 11.48 42.60 -19.69
C ASN A 598 10.83 44.00 -19.61
N GLN A 599 10.67 44.50 -18.39
CA GLN A 599 10.22 45.87 -18.17
C GLN A 599 11.38 46.77 -17.79
N LYS A 600 12.30 46.25 -16.96
CA LYS A 600 13.45 47.02 -16.48
C LYS A 600 14.41 47.36 -17.61
N PHE A 601 14.68 46.39 -18.48
CA PHE A 601 15.59 46.57 -19.62
C PHE A 601 14.84 46.59 -20.96
N ASN A 602 13.50 46.38 -20.91
CA ASN A 602 12.65 46.30 -22.11
C ASN A 602 13.17 45.29 -23.15
N ALA A 603 12.93 44.01 -22.89
CA ALA A 603 13.60 42.95 -23.65
C ALA A 603 12.66 41.98 -24.37
N HIS A 604 13.29 40.89 -24.92
CA HIS A 604 12.59 39.85 -25.69
C HIS A 604 12.33 38.56 -24.91
N LEU A 605 13.05 38.38 -23.81
CA LEU A 605 13.13 37.08 -23.12
C LEU A 605 11.80 36.32 -23.06
N ASP A 606 11.79 35.11 -23.61
CA ASP A 606 10.64 34.23 -23.48
C ASP A 606 10.34 33.95 -22.00
N ALA A 607 9.06 34.03 -21.62
CA ALA A 607 8.65 33.95 -20.22
C ALA A 607 8.14 32.58 -19.79
N THR A 608 7.97 31.66 -20.75
CA THR A 608 7.45 30.34 -20.48
C THR A 608 8.55 29.35 -20.08
N THR A 609 8.14 28.25 -19.44
CA THR A 609 9.02 27.09 -19.20
C THR A 609 8.50 25.84 -19.92
N ASP A 610 7.26 25.44 -19.64
CA ASP A 610 6.63 24.37 -20.41
C ASP A 610 6.30 24.89 -21.82
N TYR A 611 7.38 25.13 -22.56
CA TYR A 611 7.38 25.12 -24.01
C TYR A 611 7.44 23.62 -24.32
N MET A 612 7.13 23.21 -25.55
CA MET A 612 7.20 21.78 -25.86
C MET A 612 8.06 21.51 -27.11
N PRO A 613 8.92 20.45 -27.04
CA PRO A 613 9.89 20.06 -28.08
C PRO A 613 9.46 20.38 -29.52
CAH OAN B . -12.07 -3.32 -8.70
CAG OAN B . -11.12 -2.41 -9.50
OAN OAN B . -10.62 -1.40 -8.98
NAI OAN B . -10.95 -2.82 -10.76
CAB OAN B . -10.01 -2.20 -11.73
CAC OAN B . -8.54 -2.40 -11.23
OAJ OAN B . -7.93 -3.57 -11.81
CAD OAN B . -7.68 -1.14 -11.48
OAK OAN B . -6.37 -1.31 -10.97
CAE OAN B . -8.33 0.08 -10.81
CAF OAN B . -7.40 1.30 -10.86
OAM OAN B . -7.38 1.89 -12.14
OAL OAN B . -9.63 0.34 -11.42
CAA OAN B . -10.30 -0.69 -12.06
NAY OAN B . -11.10 -0.33 -13.08
OAQ OAN B . -11.21 1.04 -13.31
CAP OAN B . -11.95 1.40 -14.41
OAR OAN B . -12.48 0.56 -15.14
NAO OAN B . -12.03 2.72 -14.63
CAS OAN B . -12.76 3.28 -15.61
CAT OAN B . -13.17 2.55 -16.73
CAU OAN B . -13.95 3.16 -17.71
CAV OAN B . -14.31 4.50 -17.56
CAW OAN B . -13.90 5.24 -16.43
CAX OAN B . -13.14 4.61 -15.45
#